data_7NPK
#
_entry.id   7NPK
#
_cell.length_a   113.79
_cell.length_b   39.62
_cell.length_c   90.79
_cell.angle_alpha   90
_cell.angle_beta   104.97
_cell.angle_gamma   90
#
_symmetry.space_group_name_H-M   'C 1 2 1'
#
loop_
_entity.id
_entity.type
_entity.pdbx_description
1 polymer Alpha-1-antitrypsin
2 non-polymer GLYCEROL
3 non-polymer N-((1S,2R)-1-hydroxy-1-(o-tolyl)pentan-2-yl)-2-oxo-2,3-dihydrobenzo[d]oxazole-5-carboxamide
4 water water
#
_entity_poly.entity_id   1
_entity_poly.type   'polypeptide(L)'
_entity_poly.pdbx_seq_one_letter_code
;MRGSHHHHHHTDPQGDAAQKTDTSHHDQDHPTFNKITPNLAEFAFSLYRQLAHQSNSTNIFFSPVSIATAFAMLSLGTKA
DTHDEILEGLNFNLTEIPEAQIHEGFQELLRTLNQPDSQLQLTTGNGLFLSEGLKLVDKFLEDVKKLYHSEAFTVNFGDT
EEAKKQINDYVEKGTQGKIVDLVKELDRDTVFALVNYIFFKGKWERPFEVKDTEEEDFHVDQVTTVKVPMMKRLGMFNIQ
HSKKLSSWVLLMKYLGNATAIFFLPDEGKLQHLENELTHDIITKFLENEDRRSASLHLPKLSITGTYDLKSVLGQLGITK
VFSNGADLSGVTEEAPLKLSKAVHKAVLTIDEKGTEAAGAMFLEAIPMSIPPEVKFNKPFVFLMIEQNTKSPLFMGKVVN
PTQ
;
_entity_poly.pdbx_strand_id   A
#
loop_
_chem_comp.id
_chem_comp.type
_chem_comp.name
_chem_comp.formula
GOL non-polymer GLYCEROL 'C3 H8 O3'
UL2 non-polymer N-((1S,2R)-1-hydroxy-1-(o-tolyl)pentan-2-yl)-2-oxo-2,3-dihydrobenzo[d]oxazole-5-carboxamide 'C20 H22 N2 O4'
#
# COMPACT_ATOMS: atom_id res chain seq x y z
N THR A 32 9.53 -19.67 5.28
CA THR A 32 9.33 -19.24 3.90
C THR A 32 8.64 -17.85 3.81
N PHE A 33 8.93 -16.98 4.77
CA PHE A 33 8.38 -15.63 4.82
C PHE A 33 9.30 -14.72 5.65
N ASN A 34 9.21 -13.41 5.43
CA ASN A 34 9.98 -12.45 6.21
C ASN A 34 9.37 -12.38 7.62
N LYS A 35 10.22 -12.23 8.66
CA LYS A 35 9.82 -12.14 10.06
C LYS A 35 8.75 -11.06 10.34
N ILE A 36 8.74 -9.97 9.58
CA ILE A 36 7.78 -8.89 9.81
C ILE A 36 6.48 -9.03 9.00
N THR A 37 6.37 -10.05 8.13
CA THR A 37 5.16 -10.25 7.30
C THR A 37 3.86 -10.33 8.14
N PRO A 38 3.78 -11.08 9.27
CA PRO A 38 2.54 -11.09 10.07
C PRO A 38 2.15 -9.71 10.60
N ASN A 39 3.14 -8.91 11.03
CA ASN A 39 2.93 -7.55 11.52
C ASN A 39 2.38 -6.68 10.37
N LEU A 40 2.99 -6.76 9.16
CA LEU A 40 2.56 -5.97 7.99
C LEU A 40 1.13 -6.38 7.61
N ALA A 41 0.80 -7.68 7.75
CA ALA A 41 -0.55 -8.16 7.47
C ALA A 41 -1.53 -7.58 8.47
N GLU A 42 -1.16 -7.51 9.77
CA GLU A 42 -2.04 -6.90 10.77
C GLU A 42 -2.22 -5.40 10.52
N PHE A 43 -1.15 -4.73 10.11
CA PHE A 43 -1.16 -3.30 9.79
C PHE A 43 -2.11 -3.06 8.63
N ALA A 44 -2.00 -3.88 7.55
CA ALA A 44 -2.86 -3.83 6.37
C ALA A 44 -4.33 -3.91 6.79
N PHE A 45 -4.72 -4.91 7.64
CA PHE A 45 -6.11 -5.05 8.10
C PHE A 45 -6.59 -3.87 8.92
N SER A 46 -5.74 -3.36 9.80
CA SER A 46 -6.06 -2.20 10.64
C SER A 46 -6.33 -0.98 9.77
N LEU A 47 -5.43 -0.68 8.81
CA LEU A 47 -5.55 0.48 7.90
C LEU A 47 -6.79 0.31 6.99
N TYR A 48 -6.97 -0.89 6.41
CA TYR A 48 -8.14 -1.17 5.56
C TYR A 48 -9.46 -1.00 6.34
N ARG A 49 -9.57 -1.60 7.52
CA ARG A 49 -10.79 -1.54 8.34
C ARG A 49 -11.16 -0.13 8.76
N GLN A 50 -10.14 0.70 9.04
CA GLN A 50 -10.37 2.11 9.37
C GLN A 50 -11.04 2.84 8.22
N LEU A 51 -10.43 2.76 7.00
CA LEU A 51 -10.90 3.36 5.75
C LEU A 51 -12.30 2.85 5.38
N ALA A 52 -12.53 1.52 5.48
CA ALA A 52 -13.82 0.90 5.16
C ALA A 52 -14.94 1.28 6.14
N HIS A 53 -14.61 1.48 7.42
CA HIS A 53 -15.57 1.90 8.45
C HIS A 53 -15.99 3.35 8.21
N GLN A 54 -15.07 4.20 7.68
CA GLN A 54 -15.34 5.60 7.38
C GLN A 54 -16.43 5.74 6.31
N SER A 55 -16.16 5.27 5.09
CA SER A 55 -17.09 5.33 3.97
C SER A 55 -17.13 3.98 3.25
N ASN A 56 -18.32 3.54 2.80
CA ASN A 56 -18.53 2.27 2.10
C ASN A 56 -18.69 2.41 0.57
N SER A 57 -18.89 3.63 0.08
CA SER A 57 -19.08 3.92 -1.35
C SER A 57 -17.77 4.34 -2.05
N THR A 58 -16.64 4.24 -1.33
CA THR A 58 -15.32 4.65 -1.78
C THR A 58 -14.37 3.47 -2.02
N ASN A 59 -13.59 3.58 -3.11
CA ASN A 59 -12.52 2.68 -3.48
C ASN A 59 -11.42 2.81 -2.39
N ILE A 60 -10.69 1.72 -2.14
CA ILE A 60 -9.58 1.68 -1.19
C ILE A 60 -8.41 1.13 -1.98
N PHE A 61 -7.26 1.80 -1.94
CA PHE A 61 -6.08 1.29 -2.60
C PHE A 61 -4.81 1.84 -2.00
N PHE A 62 -4.07 1.03 -1.24
CA PHE A 62 -2.86 1.50 -0.58
C PHE A 62 -1.84 0.41 -0.46
N SER A 63 -0.58 0.76 -0.16
CA SER A 63 0.42 -0.24 0.05
C SER A 63 0.83 -0.30 1.52
N PRO A 64 0.39 -1.40 2.21
CA PRO A 64 0.79 -1.61 3.63
C PRO A 64 2.32 -1.62 3.72
N VAL A 65 2.99 -2.24 2.74
CA VAL A 65 4.45 -2.35 2.71
C VAL A 65 5.13 -0.98 2.59
N SER A 66 4.75 -0.18 1.59
CA SER A 66 5.44 1.10 1.36
C SER A 66 5.15 2.08 2.52
N ILE A 67 3.91 2.13 3.06
CA ILE A 67 3.59 3.04 4.18
C ILE A 67 4.39 2.64 5.42
N ALA A 68 4.40 1.33 5.74
CA ALA A 68 5.14 0.88 6.91
C ALA A 68 6.64 1.07 6.76
N THR A 69 7.21 0.85 5.55
CA THR A 69 8.65 1.03 5.27
C THR A 69 9.04 2.48 5.59
N ALA A 70 8.23 3.42 5.11
CA ALA A 70 8.40 4.87 5.27
C ALA A 70 8.41 5.27 6.75
N PHE A 71 7.44 4.75 7.54
CA PHE A 71 7.37 5.16 8.94
C PHE A 71 8.39 4.44 9.78
N ALA A 72 8.79 3.22 9.42
CA ALA A 72 9.88 2.54 10.13
C ALA A 72 11.21 3.25 9.81
N MET A 73 11.34 3.80 8.60
CA MET A 73 12.52 4.56 8.24
C MET A 73 12.50 5.86 9.05
N LEU A 74 11.35 6.52 9.14
CA LEU A 74 11.20 7.76 9.92
C LEU A 74 11.53 7.53 11.39
N SER A 75 11.11 6.39 11.99
CA SER A 75 11.38 6.07 13.41
C SER A 75 12.90 6.16 13.77
N LEU A 76 13.81 5.98 12.78
CA LEU A 76 15.27 6.07 12.96
C LEU A 76 15.73 7.44 13.47
N GLY A 77 14.98 8.48 13.14
CA GLY A 77 15.25 9.82 13.59
C GLY A 77 14.43 10.22 14.81
N THR A 78 13.66 9.27 15.39
CA THR A 78 12.84 9.57 16.55
C THR A 78 13.34 8.85 17.80
N LYS A 79 12.90 9.31 18.97
CA LYS A 79 13.25 8.70 20.24
C LYS A 79 12.03 8.58 21.16
N ALA A 80 12.14 7.73 22.20
CA ALA A 80 11.20 7.55 23.30
C ALA A 80 9.72 7.27 22.84
N ASP A 81 8.69 7.98 23.35
CA ASP A 81 7.32 7.78 23.06
C ASP A 81 7.01 8.07 21.62
N THR A 82 7.64 9.13 21.00
CA THR A 82 7.44 9.43 19.58
C THR A 82 7.80 8.19 18.75
N HIS A 83 8.94 7.56 19.06
CA HIS A 83 9.44 6.36 18.43
C HIS A 83 8.54 5.13 18.62
N ASP A 84 8.23 4.80 19.87
CA ASP A 84 7.42 3.63 20.25
C ASP A 84 6.03 3.71 19.64
N GLU A 85 5.44 4.88 19.62
CA GLU A 85 4.12 5.10 19.03
C GLU A 85 4.10 4.75 17.54
N ILE A 86 5.14 5.16 16.77
CA ILE A 86 5.23 4.82 15.35
C ILE A 86 5.28 3.28 15.19
N LEU A 87 6.24 2.57 15.85
CA LEU A 87 6.37 1.12 15.71
C LEU A 87 5.15 0.35 16.23
N GLU A 88 4.53 0.83 17.31
CA GLU A 88 3.31 0.19 17.81
C GLU A 88 2.14 0.41 16.84
N GLY A 89 2.10 1.58 16.21
CA GLY A 89 1.10 1.96 15.22
C GLY A 89 1.13 1.13 13.94
N LEU A 90 2.31 0.55 13.64
CA LEU A 90 2.55 -0.36 12.50
C LEU A 90 2.36 -1.83 12.97
N ASN A 91 1.76 -2.03 14.17
CA ASN A 91 1.47 -3.37 14.71
C ASN A 91 2.70 -4.18 15.15
N PHE A 92 3.74 -3.48 15.64
CA PHE A 92 4.88 -4.20 16.20
C PHE A 92 4.75 -4.11 17.71
N ASN A 93 4.79 -5.25 18.39
CA ASN A 93 4.67 -5.28 19.86
C ASN A 93 6.10 -5.25 20.37
N LEU A 94 6.55 -4.09 20.88
CA LEU A 94 7.93 -3.87 21.33
C LEU A 94 8.37 -4.66 22.58
N THR A 95 7.43 -5.28 23.29
CA THR A 95 7.78 -6.18 24.42
C THR A 95 8.16 -7.56 23.87
N GLU A 96 7.73 -7.89 22.64
CA GLU A 96 7.99 -9.16 22.00
C GLU A 96 9.01 -9.13 20.87
N ILE A 97 9.00 -8.08 20.02
CA ILE A 97 9.92 -8.04 18.90
C ILE A 97 11.05 -7.01 19.08
N PRO A 98 12.31 -7.47 19.08
CA PRO A 98 13.42 -6.53 19.19
C PRO A 98 13.48 -5.61 17.98
N GLU A 99 13.76 -4.30 18.21
CA GLU A 99 13.81 -3.29 17.16
C GLU A 99 14.80 -3.64 16.04
N ALA A 100 15.88 -4.39 16.35
CA ALA A 100 16.86 -4.78 15.33
C ALA A 100 16.24 -5.75 14.33
N GLN A 101 15.34 -6.63 14.80
CA GLN A 101 14.66 -7.59 13.94
C GLN A 101 13.66 -6.86 13.02
N ILE A 102 13.08 -5.72 13.48
CA ILE A 102 12.14 -4.93 12.68
C ILE A 102 12.88 -4.27 11.53
N HIS A 103 13.98 -3.55 11.81
CA HIS A 103 14.72 -2.88 10.74
C HIS A 103 15.35 -3.88 9.81
N GLU A 104 15.87 -5.01 10.34
CA GLU A 104 16.45 -6.06 9.48
C GLU A 104 15.39 -6.71 8.58
N GLY A 105 14.15 -6.79 9.08
CA GLY A 105 13.02 -7.31 8.34
C GLY A 105 12.72 -6.39 7.16
N PHE A 106 12.64 -5.09 7.44
CA PHE A 106 12.39 -4.06 6.44
C PHE A 106 13.48 -3.99 5.38
N GLN A 107 14.76 -4.11 5.78
CA GLN A 107 15.92 -4.08 4.87
C GLN A 107 15.90 -5.26 3.88
N GLU A 108 15.57 -6.46 4.37
CA GLU A 108 15.47 -7.67 3.54
C GLU A 108 14.34 -7.55 2.54
N LEU A 109 13.18 -7.01 2.99
CA LEU A 109 12.02 -6.78 2.14
C LEU A 109 12.39 -5.81 1.01
N LEU A 110 13.12 -4.73 1.34
CA LEU A 110 13.58 -3.74 0.37
C LEU A 110 14.56 -4.38 -0.60
N ARG A 111 15.48 -5.22 -0.09
CA ARG A 111 16.47 -5.95 -0.90
C ARG A 111 15.77 -6.77 -1.98
N THR A 112 14.69 -7.47 -1.58
CA THR A 112 13.84 -8.29 -2.45
C THR A 112 13.15 -7.44 -3.51
N LEU A 113 12.50 -6.34 -3.10
CA LEU A 113 11.74 -5.49 -4.01
C LEU A 113 12.63 -4.75 -5.02
N ASN A 114 13.90 -4.49 -4.66
CA ASN A 114 14.89 -3.81 -5.49
C ASN A 114 15.69 -4.76 -6.42
N GLN A 115 15.25 -6.03 -6.55
CA GLN A 115 15.90 -6.97 -7.47
C GLN A 115 15.52 -6.56 -8.88
N PRO A 116 16.46 -6.62 -9.87
CA PRO A 116 16.13 -6.16 -11.24
C PRO A 116 14.80 -6.64 -11.83
N ASP A 117 14.42 -7.92 -11.62
CA ASP A 117 13.15 -8.48 -12.13
C ASP A 117 11.92 -7.80 -11.48
N SER A 118 12.00 -7.50 -10.18
CA SER A 118 10.91 -6.81 -9.48
C SER A 118 10.91 -5.32 -9.91
N GLN A 119 12.10 -4.72 -10.06
CA GLN A 119 12.30 -3.32 -10.49
C GLN A 119 11.71 -3.04 -11.86
N LEU A 120 11.66 -4.06 -12.75
CA LEU A 120 11.05 -3.90 -14.07
C LEU A 120 9.55 -3.63 -13.97
N GLN A 121 8.89 -4.08 -12.87
CA GLN A 121 7.45 -3.93 -12.69
C GLN A 121 7.05 -2.96 -11.57
N LEU A 122 7.91 -2.79 -10.57
CA LEU A 122 7.57 -2.03 -9.38
C LEU A 122 8.58 -0.94 -9.05
N THR A 123 8.07 0.30 -8.88
CA THR A 123 8.88 1.45 -8.49
C THR A 123 8.38 1.91 -7.11
N THR A 124 9.29 2.06 -6.16
CA THR A 124 8.91 2.55 -4.83
C THR A 124 9.88 3.64 -4.39
N GLY A 125 9.36 4.64 -3.68
CA GLY A 125 10.25 5.70 -3.21
C GLY A 125 9.71 6.45 -2.04
N ASN A 126 10.64 7.02 -1.29
CA ASN A 126 10.36 7.88 -0.17
C ASN A 126 11.23 9.09 -0.34
N GLY A 127 10.62 10.25 -0.20
CA GLY A 127 11.36 11.50 -0.23
C GLY A 127 11.10 12.25 1.05
N LEU A 128 12.17 12.64 1.77
CA LEU A 128 12.06 13.42 3.00
C LEU A 128 12.48 14.83 2.61
N PHE A 129 11.64 15.81 2.91
CA PHE A 129 11.89 17.21 2.57
C PHE A 129 11.95 18.03 3.86
N LEU A 130 13.16 18.50 4.17
CA LEU A 130 13.49 19.24 5.38
C LEU A 130 13.92 20.65 5.05
N SER A 131 13.44 21.59 5.86
CA SER A 131 13.75 23.01 5.76
C SER A 131 15.25 23.29 5.68
N GLU A 132 15.66 24.21 4.80
CA GLU A 132 17.06 24.66 4.77
C GLU A 132 17.22 25.51 6.03
N GLY A 133 18.38 25.46 6.64
CA GLY A 133 18.57 26.19 7.89
C GLY A 133 18.40 25.32 9.12
N LEU A 134 18.08 24.03 8.93
CA LEU A 134 18.02 23.05 10.00
C LEU A 134 19.35 22.31 9.96
N LYS A 135 20.02 22.17 11.10
CA LYS A 135 21.28 21.44 11.20
C LYS A 135 20.89 19.95 11.28
N LEU A 136 21.10 19.20 10.18
CA LEU A 136 20.72 17.79 10.13
C LEU A 136 21.77 16.84 10.66
N VAL A 137 21.32 15.77 11.35
CA VAL A 137 22.17 14.73 11.93
C VAL A 137 22.65 13.84 10.81
N ASP A 138 23.99 13.71 10.66
CA ASP A 138 24.60 12.90 9.62
C ASP A 138 24.20 11.43 9.67
N LYS A 139 24.05 10.85 10.88
CA LYS A 139 23.67 9.44 11.05
C LYS A 139 22.31 9.13 10.42
N PHE A 140 21.32 10.02 10.62
CA PHE A 140 19.99 9.83 10.04
C PHE A 140 20.05 9.81 8.53
N LEU A 141 20.75 10.80 7.93
CA LEU A 141 20.89 10.94 6.49
C LEU A 141 21.60 9.75 5.87
N GLU A 142 22.58 9.17 6.59
CA GLU A 142 23.29 7.99 6.10
C GLU A 142 22.45 6.73 6.23
N ASP A 143 21.78 6.52 7.39
CA ASP A 143 20.92 5.35 7.62
C ASP A 143 19.71 5.32 6.68
N VAL A 144 19.11 6.48 6.39
CA VAL A 144 17.98 6.65 5.49
C VAL A 144 18.36 6.10 4.10
N LYS A 145 19.56 6.47 3.63
CA LYS A 145 20.11 6.08 2.33
C LYS A 145 20.58 4.63 2.30
N LYS A 146 21.45 4.23 3.22
CA LYS A 146 22.01 2.89 3.21
C LYS A 146 20.99 1.81 3.54
N LEU A 147 20.22 1.98 4.62
CA LEU A 147 19.28 0.96 5.04
C LEU A 147 17.94 0.98 4.31
N TYR A 148 17.42 2.17 3.99
CA TYR A 148 16.10 2.25 3.41
C TYR A 148 16.01 2.77 1.97
N HIS A 149 17.15 2.99 1.30
CA HIS A 149 17.24 3.48 -0.10
C HIS A 149 16.26 4.63 -0.39
N SER A 150 16.14 5.55 0.57
CA SER A 150 15.29 6.71 0.49
C SER A 150 16.14 7.95 0.29
N GLU A 151 15.50 9.02 -0.14
CA GLU A 151 16.20 10.26 -0.40
C GLU A 151 15.77 11.36 0.55
N ALA A 152 16.74 12.12 1.08
CA ALA A 152 16.47 13.26 1.94
C ALA A 152 16.93 14.52 1.20
N PHE A 153 16.10 15.57 1.23
CA PHE A 153 16.35 16.82 0.53
C PHE A 153 16.15 18.02 1.42
N THR A 154 16.89 19.08 1.11
CA THR A 154 16.87 20.40 1.72
C THR A 154 15.98 21.27 0.81
N VAL A 155 14.94 21.91 1.38
CA VAL A 155 14.01 22.70 0.60
C VAL A 155 13.66 24.00 1.34
N ASN A 156 13.41 25.06 0.56
CA ASN A 156 13.04 26.35 1.12
C ASN A 156 11.51 26.41 1.28
N PHE A 157 11.05 26.11 2.50
CA PHE A 157 9.64 26.17 2.80
C PHE A 157 9.12 27.63 2.94
N GLY A 158 10.04 28.60 2.88
CA GLY A 158 9.74 30.02 2.83
C GLY A 158 8.95 30.36 1.58
N ASP A 159 9.15 29.60 0.48
CA ASP A 159 8.38 29.74 -0.77
C ASP A 159 7.50 28.45 -0.87
N THR A 160 6.30 28.50 -0.28
CA THR A 160 5.34 27.38 -0.18
C THR A 160 4.98 26.76 -1.54
N GLU A 161 4.76 27.63 -2.55
CA GLU A 161 4.42 27.21 -3.90
C GLU A 161 5.59 26.54 -4.62
N GLU A 162 6.83 27.02 -4.44
CA GLU A 162 8.00 26.38 -5.05
C GLU A 162 8.37 25.07 -4.30
N ALA A 163 8.14 25.04 -2.98
CA ALA A 163 8.41 23.85 -2.15
C ALA A 163 7.57 22.64 -2.67
N LYS A 164 6.29 22.88 -2.90
CA LYS A 164 5.30 21.95 -3.43
C LYS A 164 5.70 21.48 -4.84
N LYS A 165 6.24 22.37 -5.69
CA LYS A 165 6.68 22.01 -7.03
C LYS A 165 7.96 21.15 -6.99
N GLN A 166 8.91 21.43 -6.10
CA GLN A 166 10.15 20.64 -6.02
C GLN A 166 9.87 19.22 -5.52
N ILE A 167 8.90 19.08 -4.59
CA ILE A 167 8.45 17.81 -4.03
C ILE A 167 7.78 17.01 -5.16
N ASN A 168 6.78 17.63 -5.86
CA ASN A 168 6.03 17.05 -6.98
C ASN A 168 6.91 16.66 -8.16
N ASP A 169 7.96 17.45 -8.47
CA ASP A 169 8.90 17.14 -9.56
C ASP A 169 9.77 15.93 -9.19
N TYR A 170 10.10 15.77 -7.90
CA TYR A 170 10.87 14.61 -7.44
C TYR A 170 10.04 13.31 -7.61
N VAL A 171 8.70 13.36 -7.34
CA VAL A 171 7.82 12.20 -7.47
C VAL A 171 7.62 11.87 -8.97
N GLU A 172 7.44 12.93 -9.80
CA GLU A 172 7.29 12.81 -11.27
C GLU A 172 8.51 12.13 -11.89
N LYS A 173 9.73 12.67 -11.61
CA LYS A 173 11.00 12.14 -12.08
C LYS A 173 11.19 10.68 -11.66
N GLY A 174 10.78 10.36 -10.43
CA GLY A 174 10.86 9.03 -9.85
C GLY A 174 9.95 8.01 -10.50
N THR A 175 8.76 8.45 -10.95
CA THR A 175 7.75 7.59 -11.58
C THR A 175 7.64 7.80 -13.10
N GLN A 176 8.70 8.36 -13.73
CA GLN A 176 8.76 8.67 -15.15
C GLN A 176 7.46 9.27 -15.70
N GLY A 177 6.92 10.26 -14.99
CA GLY A 177 5.72 11.00 -15.34
C GLY A 177 4.38 10.45 -14.90
N LYS A 178 4.34 9.26 -14.28
CA LYS A 178 3.07 8.67 -13.87
C LYS A 178 2.33 9.45 -12.77
N ILE A 179 3.03 9.84 -11.70
CA ILE A 179 2.38 10.58 -10.61
C ILE A 179 2.60 12.09 -10.78
N VAL A 180 1.51 12.84 -11.01
CA VAL A 180 1.56 14.29 -11.23
C VAL A 180 0.82 15.08 -10.16
N ASP A 181 1.50 16.12 -9.65
CA ASP A 181 1.02 17.03 -8.61
C ASP A 181 0.41 16.27 -7.41
N LEU A 182 1.23 15.39 -6.81
CA LEU A 182 0.89 14.59 -5.63
C LEU A 182 0.44 15.50 -4.46
N VAL A 183 1.27 16.48 -4.09
CA VAL A 183 0.99 17.43 -3.03
C VAL A 183 0.22 18.62 -3.65
N LYS A 184 -0.99 18.88 -3.12
CA LYS A 184 -1.89 19.93 -3.59
C LYS A 184 -1.84 21.19 -2.72
N GLU A 185 -1.48 21.03 -1.43
CA GLU A 185 -1.45 22.16 -0.51
C GLU A 185 -0.47 21.88 0.62
N LEU A 186 0.38 22.86 0.96
CA LEU A 186 1.31 22.76 2.09
C LEU A 186 0.96 23.84 3.11
N ASP A 187 1.04 23.54 4.41
CA ASP A 187 0.78 24.57 5.43
C ASP A 187 1.94 25.57 5.40
N ARG A 188 1.69 26.81 5.87
CA ARG A 188 2.75 27.82 5.93
C ARG A 188 3.82 27.38 6.93
N ASP A 189 3.40 26.77 8.06
CA ASP A 189 4.34 26.32 9.09
C ASP A 189 5.16 25.10 8.68
N THR A 190 4.91 24.51 7.50
CA THR A 190 5.62 23.29 7.07
C THR A 190 7.13 23.41 7.18
N VAL A 191 7.77 22.56 7.95
CA VAL A 191 9.23 22.51 8.09
C VAL A 191 9.76 21.12 7.67
N PHE A 192 8.85 20.13 7.48
CA PHE A 192 9.24 18.76 7.19
C PHE A 192 8.09 18.03 6.50
N ALA A 193 8.35 17.49 5.29
CA ALA A 193 7.34 16.76 4.55
C ALA A 193 7.85 15.37 4.16
N LEU A 194 6.96 14.37 4.23
CA LEU A 194 7.27 13.00 3.87
C LEU A 194 6.36 12.59 2.70
N VAL A 195 6.96 12.09 1.63
CA VAL A 195 6.22 11.69 0.44
C VAL A 195 6.57 10.22 0.16
N ASN A 196 5.54 9.37 0.08
CA ASN A 196 5.76 7.95 -0.15
C ASN A 196 4.92 7.52 -1.33
N TYR A 197 5.56 6.95 -2.32
CA TYR A 197 4.84 6.54 -3.52
C TYR A 197 5.21 5.14 -3.94
N ILE A 198 4.29 4.49 -4.61
CA ILE A 198 4.52 3.15 -5.16
C ILE A 198 3.76 3.04 -6.48
N PHE A 199 4.42 2.52 -7.51
CA PHE A 199 3.79 2.36 -8.81
C PHE A 199 4.07 0.93 -9.28
N PHE A 200 3.03 0.18 -9.63
CA PHE A 200 3.19 -1.19 -10.10
C PHE A 200 2.59 -1.36 -11.50
N LYS A 201 3.34 -1.98 -12.41
CA LYS A 201 2.82 -2.27 -13.75
C LYS A 201 2.35 -3.72 -13.73
N GLY A 202 1.06 -3.95 -13.87
CA GLY A 202 0.47 -5.28 -13.78
C GLY A 202 0.48 -6.02 -15.10
N LYS A 203 1.16 -7.16 -15.16
CA LYS A 203 1.20 -7.98 -16.36
C LYS A 203 1.18 -9.44 -15.92
N TRP A 204 0.14 -10.20 -16.32
CA TRP A 204 0.00 -11.63 -16.01
C TRP A 204 1.27 -12.43 -16.30
N GLU A 205 1.62 -13.38 -15.42
CA GLU A 205 2.80 -14.23 -15.50
C GLU A 205 2.80 -15.09 -16.79
N ARG A 206 1.62 -15.57 -17.23
CA ARG A 206 1.50 -16.38 -18.45
C ARG A 206 0.70 -15.68 -19.57
N ASP A 212 -7.83 -9.33 -26.56
CA ASP A 212 -9.12 -9.02 -27.18
C ASP A 212 -10.20 -8.75 -26.10
N THR A 213 -10.22 -7.52 -25.54
CA THR A 213 -11.18 -7.11 -24.50
C THR A 213 -12.45 -6.52 -25.07
N GLU A 214 -13.54 -6.53 -24.29
CA GLU A 214 -14.83 -5.99 -24.70
C GLU A 214 -15.52 -5.32 -23.50
N GLU A 215 -16.22 -4.18 -23.72
CA GLU A 215 -16.87 -3.43 -22.64
C GLU A 215 -18.03 -4.19 -22.01
N GLU A 216 -18.29 -4.00 -20.70
CA GLU A 216 -19.37 -4.73 -20.00
C GLU A 216 -19.84 -4.00 -18.74
N ASP A 217 -21.06 -4.29 -18.26
CA ASP A 217 -21.67 -3.68 -17.08
C ASP A 217 -20.97 -3.99 -15.75
N PHE A 218 -20.69 -2.94 -14.96
CA PHE A 218 -20.13 -3.07 -13.62
C PHE A 218 -21.17 -2.50 -12.66
N HIS A 219 -21.78 -3.37 -11.88
CA HIS A 219 -22.82 -2.99 -10.94
C HIS A 219 -22.18 -2.46 -9.63
N VAL A 220 -21.89 -1.16 -9.60
CA VAL A 220 -21.27 -0.48 -8.41
C VAL A 220 -22.21 -0.65 -7.23
N ASP A 221 -23.48 -0.35 -7.45
CA ASP A 221 -24.54 -0.49 -6.44
C ASP A 221 -25.87 -0.81 -7.18
N GLN A 222 -26.99 -0.99 -6.44
CA GLN A 222 -28.26 -1.38 -7.04
C GLN A 222 -28.82 -0.36 -8.07
N VAL A 223 -28.47 0.93 -7.94
CA VAL A 223 -28.93 2.00 -8.85
C VAL A 223 -27.80 2.63 -9.69
N THR A 224 -26.57 2.08 -9.64
CA THR A 224 -25.45 2.60 -10.42
C THR A 224 -24.77 1.49 -11.26
N THR A 225 -24.53 1.78 -12.54
CA THR A 225 -23.87 0.87 -13.46
C THR A 225 -22.94 1.66 -14.39
N VAL A 226 -21.67 1.25 -14.43
CA VAL A 226 -20.62 1.81 -15.30
C VAL A 226 -20.18 0.75 -16.29
N LYS A 227 -19.45 1.13 -17.34
CA LYS A 227 -18.97 0.17 -18.34
C LYS A 227 -17.46 0.02 -18.17
N VAL A 228 -16.96 -1.23 -18.21
CA VAL A 228 -15.54 -1.51 -18.05
C VAL A 228 -14.99 -2.48 -19.12
N PRO A 229 -13.71 -2.35 -19.58
CA PRO A 229 -13.16 -3.38 -20.50
C PRO A 229 -13.03 -4.71 -19.75
N MET A 230 -13.67 -5.77 -20.25
CA MET A 230 -13.66 -7.07 -19.58
C MET A 230 -12.96 -8.13 -20.40
N MET A 231 -12.04 -8.89 -19.80
CA MET A 231 -11.38 -10.01 -20.49
C MET A 231 -12.20 -11.25 -20.21
N LYS A 232 -12.73 -11.90 -21.27
CA LYS A 232 -13.55 -13.11 -21.12
C LYS A 232 -12.72 -14.33 -21.42
N ARG A 233 -12.65 -15.28 -20.47
CA ARG A 233 -11.85 -16.48 -20.69
C ARG A 233 -12.34 -17.71 -19.97
N LEU A 234 -12.26 -18.83 -20.66
CA LEU A 234 -12.54 -20.16 -20.13
C LEU A 234 -11.16 -20.81 -19.99
N GLY A 235 -10.82 -21.23 -18.79
CA GLY A 235 -9.53 -21.85 -18.54
C GLY A 235 -9.44 -22.51 -17.19
N MET A 236 -8.23 -23.00 -16.85
CA MET A 236 -7.96 -23.63 -15.55
C MET A 236 -7.40 -22.54 -14.67
N PHE A 237 -8.20 -22.10 -13.71
CA PHE A 237 -7.87 -21.02 -12.80
C PHE A 237 -7.79 -21.50 -11.36
N ASN A 238 -6.97 -20.81 -10.55
CA ASN A 238 -6.88 -21.03 -9.12
C ASN A 238 -7.99 -20.18 -8.50
N ILE A 239 -9.17 -20.80 -8.45
CA ILE A 239 -10.40 -20.22 -8.00
C ILE A 239 -11.18 -21.21 -7.16
N GLN A 240 -11.87 -20.68 -6.14
CA GLN A 240 -12.66 -21.52 -5.25
C GLN A 240 -13.71 -20.68 -4.56
N HIS A 241 -14.80 -21.30 -4.16
CA HIS A 241 -15.82 -20.61 -3.39
C HIS A 241 -15.54 -20.91 -1.93
N SER A 242 -15.53 -19.87 -1.08
CA SER A 242 -15.26 -20.04 0.34
C SER A 242 -16.54 -19.86 1.15
N LYS A 243 -16.89 -20.86 1.98
CA LYS A 243 -18.09 -20.78 2.81
C LYS A 243 -17.86 -19.82 3.97
N LYS A 244 -16.64 -19.79 4.53
CA LYS A 244 -16.32 -18.92 5.65
C LYS A 244 -16.40 -17.45 5.25
N LEU A 245 -15.90 -17.10 4.06
CA LEU A 245 -15.92 -15.72 3.59
C LEU A 245 -17.15 -15.39 2.75
N SER A 246 -17.98 -16.42 2.41
CA SER A 246 -19.15 -16.25 1.55
C SER A 246 -18.76 -15.53 0.23
N SER A 247 -17.62 -15.92 -0.33
CA SER A 247 -17.09 -15.29 -1.53
C SER A 247 -16.38 -16.25 -2.45
N TRP A 248 -16.29 -15.89 -3.72
CA TRP A 248 -15.44 -16.54 -4.69
C TRP A 248 -14.03 -15.94 -4.43
N VAL A 249 -13.01 -16.79 -4.42
CA VAL A 249 -11.63 -16.41 -4.16
C VAL A 249 -10.79 -16.81 -5.36
N LEU A 250 -10.24 -15.81 -6.03
CA LEU A 250 -9.42 -16.03 -7.20
C LEU A 250 -8.01 -15.59 -6.94
N LEU A 251 -7.05 -16.45 -7.28
CA LEU A 251 -5.64 -16.06 -7.19
C LEU A 251 -5.03 -15.98 -8.59
N MET A 252 -4.27 -14.90 -8.90
CA MET A 252 -3.59 -14.72 -10.20
C MET A 252 -2.17 -14.22 -10.01
N LYS A 253 -1.26 -14.70 -10.86
CA LYS A 253 0.16 -14.36 -10.80
C LYS A 253 0.57 -13.29 -11.82
N TYR A 254 1.37 -12.31 -11.37
CA TYR A 254 1.85 -11.19 -12.20
C TYR A 254 3.38 -11.17 -12.26
N LEU A 255 3.96 -10.52 -13.29
CA LEU A 255 5.42 -10.39 -13.37
C LEU A 255 5.88 -9.52 -12.18
N GLY A 256 7.11 -9.74 -11.76
CA GLY A 256 7.68 -9.05 -10.61
C GLY A 256 7.45 -9.83 -9.32
N ASN A 257 7.19 -11.16 -9.45
CA ASN A 257 6.98 -12.07 -8.34
C ASN A 257 5.81 -11.66 -7.42
N ALA A 258 4.69 -11.21 -8.02
CA ALA A 258 3.51 -10.76 -7.27
C ALA A 258 2.30 -11.64 -7.51
N THR A 259 1.55 -11.97 -6.44
CA THR A 259 0.31 -12.73 -6.52
C THR A 259 -0.83 -11.88 -6.00
N ALA A 260 -1.89 -11.78 -6.78
CA ALA A 260 -3.07 -11.06 -6.36
C ALA A 260 -4.12 -12.08 -5.96
N ILE A 261 -4.84 -11.76 -4.91
CA ILE A 261 -5.97 -12.50 -4.43
C ILE A 261 -7.20 -11.61 -4.43
N PHE A 262 -8.19 -12.02 -5.20
CA PHE A 262 -9.44 -11.29 -5.39
C PHE A 262 -10.56 -11.98 -4.72
N PHE A 263 -11.29 -11.25 -3.88
CA PHE A 263 -12.42 -11.78 -3.12
C PHE A 263 -13.72 -11.19 -3.64
N LEU A 264 -14.56 -12.03 -4.26
CA LEU A 264 -15.84 -11.56 -4.81
C LEU A 264 -16.98 -12.03 -3.90
N PRO A 265 -17.51 -11.14 -3.05
CA PRO A 265 -18.54 -11.55 -2.10
C PRO A 265 -19.88 -11.90 -2.73
N ASP A 266 -20.62 -12.79 -2.05
CA ASP A 266 -21.97 -13.20 -2.44
C ASP A 266 -22.88 -11.98 -2.20
N GLU A 267 -24.13 -12.00 -2.71
CA GLU A 267 -25.03 -10.86 -2.51
C GLU A 267 -25.20 -10.52 -1.01
N GLY A 268 -25.03 -9.24 -0.67
CA GLY A 268 -25.14 -8.71 0.68
C GLY A 268 -24.09 -9.19 1.67
N LYS A 269 -22.95 -9.72 1.18
CA LYS A 269 -21.95 -10.30 2.09
C LYS A 269 -20.57 -9.64 2.01
N LEU A 270 -20.47 -8.44 1.43
CA LEU A 270 -19.19 -7.73 1.35
C LEU A 270 -18.66 -7.39 2.75
N GLN A 271 -19.53 -6.94 3.65
CA GLN A 271 -19.11 -6.57 5.00
C GLN A 271 -18.69 -7.78 5.78
N HIS A 272 -19.46 -8.88 5.68
CA HIS A 272 -19.08 -10.14 6.34
C HIS A 272 -17.68 -10.59 5.87
N LEU A 273 -17.41 -10.48 4.56
CA LEU A 273 -16.12 -10.82 3.96
C LEU A 273 -15.01 -9.97 4.59
N GLU A 274 -15.21 -8.62 4.63
CA GLU A 274 -14.23 -7.71 5.24
C GLU A 274 -13.96 -8.06 6.70
N ASN A 275 -15.02 -8.42 7.46
CA ASN A 275 -14.95 -8.78 8.88
C ASN A 275 -14.21 -10.09 9.14
N GLU A 276 -14.40 -11.10 8.27
CA GLU A 276 -13.84 -12.44 8.49
C GLU A 276 -12.41 -12.62 8.02
N LEU A 277 -11.89 -11.71 7.18
CA LEU A 277 -10.51 -11.82 6.69
C LEU A 277 -9.47 -11.85 7.79
N THR A 278 -8.53 -12.79 7.69
CA THR A 278 -7.42 -12.93 8.61
C THR A 278 -6.20 -13.37 7.84
N HIS A 279 -5.02 -13.16 8.42
CA HIS A 279 -3.75 -13.55 7.86
C HIS A 279 -3.67 -15.08 7.69
N ASP A 280 -4.21 -15.87 8.66
CA ASP A 280 -4.14 -17.35 8.54
C ASP A 280 -4.98 -17.87 7.36
N ILE A 281 -6.16 -17.29 7.14
CA ILE A 281 -7.09 -17.62 6.07
C ILE A 281 -6.45 -17.29 4.70
N ILE A 282 -5.80 -16.12 4.60
CA ILE A 282 -5.11 -15.70 3.37
C ILE A 282 -3.90 -16.58 3.08
N THR A 283 -3.14 -16.96 4.13
CA THR A 283 -1.99 -17.85 3.95
C THR A 283 -2.43 -19.20 3.37
N LYS A 284 -3.56 -19.73 3.85
CA LYS A 284 -4.07 -21.01 3.35
C LYS A 284 -4.50 -20.93 1.89
N PHE A 285 -5.03 -19.77 1.42
CA PHE A 285 -5.39 -19.63 0.01
C PHE A 285 -4.13 -19.52 -0.82
N LEU A 286 -3.12 -18.76 -0.35
CA LEU A 286 -1.84 -18.61 -1.06
C LEU A 286 -1.10 -19.95 -1.21
N GLU A 287 -1.33 -20.87 -0.25
CA GLU A 287 -0.73 -22.21 -0.28
C GLU A 287 -1.42 -23.10 -1.30
N ASN A 288 -2.73 -22.87 -1.55
CA ASN A 288 -3.49 -23.64 -2.51
C ASN A 288 -3.00 -23.41 -3.95
N GLU A 289 -2.67 -24.51 -4.63
CA GLU A 289 -2.20 -24.45 -6.02
C GLU A 289 -3.10 -25.26 -6.97
N ASP A 290 -4.19 -25.83 -6.42
CA ASP A 290 -5.22 -26.58 -7.11
C ASP A 290 -6.03 -25.66 -8.03
N ARG A 291 -6.22 -26.09 -9.29
CA ARG A 291 -6.98 -25.34 -10.28
C ARG A 291 -8.27 -26.08 -10.68
N ARG A 292 -9.20 -25.36 -11.30
CA ARG A 292 -10.44 -25.92 -11.81
C ARG A 292 -10.85 -25.14 -13.06
N SER A 293 -11.75 -25.74 -13.84
CA SER A 293 -12.25 -25.11 -15.04
C SER A 293 -13.24 -24.04 -14.62
N ALA A 294 -13.15 -22.85 -15.24
CA ALA A 294 -14.06 -21.76 -14.91
C ALA A 294 -14.12 -20.74 -16.05
N SER A 295 -15.29 -20.12 -16.25
CA SER A 295 -15.42 -19.09 -17.27
C SER A 295 -15.41 -17.76 -16.51
N LEU A 296 -14.32 -17.01 -16.64
CA LEU A 296 -14.18 -15.77 -15.88
C LEU A 296 -14.34 -14.51 -16.69
N HIS A 297 -14.97 -13.49 -16.09
CA HIS A 297 -15.12 -12.15 -16.65
C HIS A 297 -14.30 -11.23 -15.73
N LEU A 298 -13.11 -10.84 -16.18
CA LEU A 298 -12.15 -10.06 -15.41
C LEU A 298 -12.00 -8.64 -15.97
N PRO A 299 -12.31 -7.61 -15.15
CA PRO A 299 -12.14 -6.23 -15.63
C PRO A 299 -10.69 -5.77 -15.64
N LYS A 300 -10.29 -5.12 -16.75
CA LYS A 300 -8.93 -4.62 -16.97
C LYS A 300 -8.89 -3.25 -16.32
N LEU A 301 -8.65 -3.23 -14.99
CA LEU A 301 -8.68 -1.99 -14.26
C LEU A 301 -7.33 -1.46 -13.81
N SER A 302 -7.19 -0.15 -13.93
CA SER A 302 -6.04 0.55 -13.39
C SER A 302 -6.59 1.21 -12.13
N ILE A 303 -5.78 1.29 -11.06
CA ILE A 303 -6.30 1.86 -9.82
C ILE A 303 -5.28 2.77 -9.15
N THR A 304 -5.77 3.77 -8.43
CA THR A 304 -4.95 4.72 -7.65
C THR A 304 -5.60 5.03 -6.32
N GLY A 305 -4.77 5.35 -5.33
CA GLY A 305 -5.22 5.77 -4.02
C GLY A 305 -4.24 6.81 -3.51
N THR A 306 -4.77 7.86 -2.88
CA THR A 306 -3.99 8.98 -2.31
C THR A 306 -4.48 9.19 -0.90
N TYR A 307 -3.55 9.22 0.06
CA TYR A 307 -3.97 9.37 1.45
C TYR A 307 -3.13 10.36 2.19
N ASP A 308 -3.77 11.06 3.12
CA ASP A 308 -3.13 11.99 4.03
C ASP A 308 -2.78 11.11 5.20
N LEU A 309 -1.51 10.73 5.31
CA LEU A 309 -1.06 9.85 6.40
C LEU A 309 -1.16 10.47 7.78
N LYS A 310 -1.06 11.81 7.92
CA LYS A 310 -1.22 12.42 9.24
C LYS A 310 -2.62 12.10 9.80
N SER A 311 -3.63 12.16 8.93
CA SER A 311 -5.02 11.86 9.26
C SER A 311 -5.25 10.34 9.51
N VAL A 312 -4.88 9.50 8.52
CA VAL A 312 -5.07 8.05 8.58
C VAL A 312 -4.29 7.40 9.73
N LEU A 313 -2.99 7.65 9.81
CA LEU A 313 -2.16 7.06 10.87
C LEU A 313 -2.45 7.66 12.27
N GLY A 314 -2.99 8.88 12.32
CA GLY A 314 -3.43 9.49 13.57
C GLY A 314 -4.50 8.66 14.25
N GLN A 315 -5.47 8.20 13.47
CA GLN A 315 -6.57 7.33 13.93
C GLN A 315 -6.06 5.94 14.37
N LEU A 316 -4.90 5.54 13.85
CA LEU A 316 -4.22 4.31 14.24
C LEU A 316 -3.34 4.53 15.47
N GLY A 317 -3.31 5.74 16.03
CA GLY A 317 -2.54 6.06 17.22
C GLY A 317 -1.17 6.68 17.01
N ILE A 318 -0.78 6.99 15.76
CA ILE A 318 0.54 7.60 15.46
C ILE A 318 0.31 9.11 15.40
N THR A 319 0.51 9.81 16.54
CA THR A 319 0.20 11.25 16.64
C THR A 319 1.39 12.13 17.05
N LYS A 320 2.22 11.64 17.99
CA LYS A 320 3.35 12.39 18.55
C LYS A 320 4.29 12.97 17.51
N VAL A 321 4.65 12.18 16.46
CA VAL A 321 5.57 12.64 15.42
C VAL A 321 4.98 13.82 14.59
N PHE A 322 3.65 13.98 14.56
CA PHE A 322 2.99 15.07 13.84
C PHE A 322 2.63 16.28 14.75
N SER A 323 3.03 16.25 16.03
CA SER A 323 2.70 17.30 16.98
C SER A 323 3.94 18.04 17.51
N ASN A 324 3.73 19.17 18.21
CA ASN A 324 4.82 19.97 18.75
C ASN A 324 5.73 19.26 19.77
N GLY A 325 5.24 18.20 20.38
CA GLY A 325 6.02 17.43 21.34
C GLY A 325 6.85 16.34 20.72
N ALA A 326 6.91 16.25 19.36
CA ALA A 326 7.65 15.24 18.60
C ALA A 326 9.11 15.19 18.99
N ASP A 327 9.62 14.00 19.32
CA ASP A 327 11.03 13.86 19.61
C ASP A 327 11.72 13.40 18.33
N LEU A 328 12.17 14.35 17.51
CA LEU A 328 12.88 14.06 16.26
C LEU A 328 14.35 14.44 16.39
N SER A 329 14.93 14.29 17.59
CA SER A 329 16.34 14.63 17.83
C SER A 329 17.34 13.79 17.04
N GLY A 330 16.87 12.66 16.48
CA GLY A 330 17.70 11.86 15.60
C GLY A 330 17.83 12.51 14.23
N VAL A 331 16.93 13.49 13.88
CA VAL A 331 16.95 14.19 12.60
C VAL A 331 17.73 15.52 12.72
N THR A 332 17.40 16.34 13.74
CA THR A 332 18.06 17.62 14.04
C THR A 332 18.15 17.73 15.58
N GLU A 333 19.36 17.98 16.12
CA GLU A 333 19.55 18.05 17.57
C GLU A 333 19.11 19.35 18.23
N GLU A 334 19.37 20.51 17.60
CA GLU A 334 19.10 21.79 18.25
C GLU A 334 17.67 22.28 18.20
N ALA A 335 17.10 22.37 16.98
CA ALA A 335 15.80 22.99 16.75
C ALA A 335 14.59 22.09 16.91
N PRO A 336 13.41 22.67 17.26
CA PRO A 336 12.20 21.84 17.36
C PRO A 336 11.79 21.40 15.96
N LEU A 337 11.26 20.21 15.86
CA LEU A 337 10.83 19.69 14.57
C LEU A 337 9.68 18.76 14.76
N LYS A 338 8.70 18.84 13.86
CA LYS A 338 7.56 17.93 13.78
C LYS A 338 7.32 17.59 12.28
N LEU A 339 6.72 16.43 12.02
CA LEU A 339 6.38 16.08 10.64
C LEU A 339 5.07 16.79 10.26
N SER A 340 5.17 17.82 9.42
CA SER A 340 4.01 18.63 9.05
C SER A 340 3.08 17.97 8.05
N LYS A 341 3.67 17.24 7.08
CA LYS A 341 2.94 16.66 5.95
C LYS A 341 3.45 15.25 5.67
N ALA A 342 2.54 14.30 5.41
CA ALA A 342 2.93 12.91 5.10
C ALA A 342 1.84 12.42 4.13
N VAL A 343 2.22 12.07 2.90
CA VAL A 343 1.26 11.68 1.87
C VAL A 343 1.68 10.32 1.27
N HIS A 344 0.70 9.49 0.96
CA HIS A 344 0.92 8.20 0.30
C HIS A 344 0.18 8.18 -1.02
N LYS A 345 0.86 7.73 -2.07
CA LYS A 345 0.17 7.51 -3.35
C LYS A 345 0.54 6.15 -3.89
N ALA A 346 -0.48 5.37 -4.20
CA ALA A 346 -0.28 4.04 -4.79
C ALA A 346 -0.97 4.01 -6.16
N VAL A 347 -0.24 3.55 -7.18
CA VAL A 347 -0.78 3.43 -8.55
C VAL A 347 -0.52 2.01 -9.08
N LEU A 348 -1.51 1.45 -9.71
CA LEU A 348 -1.44 0.15 -10.37
C LEU A 348 -2.02 0.33 -11.77
N THR A 349 -1.24 -0.03 -12.78
CA THR A 349 -1.71 0.03 -14.18
C THR A 349 -1.51 -1.32 -14.84
N ILE A 350 -2.45 -1.76 -15.68
CA ILE A 350 -2.30 -3.03 -16.39
C ILE A 350 -1.60 -2.77 -17.73
N ASP A 351 -0.47 -3.46 -17.98
CA ASP A 351 0.25 -3.32 -19.25
C ASP A 351 -0.63 -3.82 -20.40
N PRO A 367 -14.35 -31.77 -19.19
CA PRO A 367 -15.58 -31.62 -18.39
C PRO A 367 -16.82 -31.33 -19.25
N MET A 368 -17.88 -32.15 -19.07
CA MET A 368 -19.15 -32.05 -19.81
C MET A 368 -20.15 -31.07 -19.17
N SER A 369 -20.06 -30.88 -17.84
CA SER A 369 -20.90 -29.94 -17.11
C SER A 369 -20.47 -28.51 -17.49
N ILE A 370 -21.45 -27.57 -17.63
CA ILE A 370 -21.11 -26.18 -18.00
C ILE A 370 -20.32 -25.59 -16.82
N PRO A 371 -19.02 -25.26 -17.01
CA PRO A 371 -18.20 -24.75 -15.89
C PRO A 371 -18.79 -23.53 -15.21
N PRO A 372 -18.42 -23.26 -13.93
CA PRO A 372 -18.94 -22.07 -13.26
C PRO A 372 -18.59 -20.79 -14.00
N GLU A 373 -19.52 -19.86 -14.04
CA GLU A 373 -19.24 -18.57 -14.66
C GLU A 373 -19.11 -17.52 -13.56
N VAL A 374 -17.91 -16.94 -13.43
CA VAL A 374 -17.64 -15.97 -12.36
C VAL A 374 -17.34 -14.63 -12.98
N LYS A 375 -18.20 -13.64 -12.70
CA LYS A 375 -18.02 -12.30 -13.27
C LYS A 375 -17.58 -11.34 -12.17
N PHE A 376 -16.38 -10.74 -12.28
CA PHE A 376 -15.90 -9.75 -11.31
C PHE A 376 -16.50 -8.42 -11.79
N ASN A 377 -17.83 -8.26 -11.68
CA ASN A 377 -18.58 -7.12 -12.23
C ASN A 377 -19.38 -6.36 -11.18
N LYS A 378 -18.88 -6.35 -9.95
CA LYS A 378 -19.48 -5.71 -8.79
C LYS A 378 -18.35 -5.52 -7.75
N PRO A 379 -18.54 -4.68 -6.69
CA PRO A 379 -17.45 -4.46 -5.72
C PRO A 379 -16.72 -5.74 -5.26
N PHE A 380 -15.39 -5.69 -5.23
CA PHE A 380 -14.59 -6.83 -4.78
C PHE A 380 -13.41 -6.36 -3.95
N VAL A 381 -12.96 -7.19 -3.02
CA VAL A 381 -11.81 -6.84 -2.15
C VAL A 381 -10.58 -7.51 -2.77
N PHE A 382 -9.36 -6.99 -2.54
CA PHE A 382 -8.17 -7.65 -3.03
C PHE A 382 -6.95 -7.41 -2.17
N LEU A 383 -5.98 -8.30 -2.30
CA LEU A 383 -4.67 -8.18 -1.68
C LEU A 383 -3.66 -8.54 -2.76
N MET A 384 -2.49 -7.93 -2.74
CA MET A 384 -1.41 -8.31 -3.63
C MET A 384 -0.24 -8.61 -2.72
N ILE A 385 0.33 -9.78 -2.87
CA ILE A 385 1.39 -10.30 -2.04
C ILE A 385 2.66 -10.43 -2.87
N GLU A 386 3.82 -10.14 -2.26
CA GLU A 386 5.10 -10.39 -2.92
C GLU A 386 5.38 -11.87 -2.56
N GLN A 387 5.77 -12.71 -3.54
CA GLN A 387 5.89 -14.14 -3.34
C GLN A 387 7.01 -14.62 -2.41
N ASN A 388 8.22 -14.03 -2.45
CA ASN A 388 9.32 -14.47 -1.60
C ASN A 388 9.07 -14.19 -0.11
N THR A 389 8.67 -12.96 0.19
CA THR A 389 8.42 -12.52 1.56
C THR A 389 7.02 -12.81 2.12
N LYS A 390 6.02 -13.00 1.25
CA LYS A 390 4.59 -13.13 1.54
C LYS A 390 4.03 -11.78 2.06
N SER A 391 4.78 -10.69 1.90
CA SER A 391 4.41 -9.39 2.40
C SER A 391 3.26 -8.80 1.60
N PRO A 392 2.34 -8.06 2.26
CA PRO A 392 1.23 -7.45 1.52
C PRO A 392 1.62 -6.15 0.82
N LEU A 393 1.90 -6.24 -0.47
CA LEU A 393 2.28 -5.12 -1.32
C LEU A 393 1.17 -4.12 -1.47
N PHE A 394 -0.05 -4.60 -1.71
CA PHE A 394 -1.26 -3.76 -1.85
C PHE A 394 -2.44 -4.41 -1.18
N MET A 395 -3.40 -3.59 -0.80
CA MET A 395 -4.68 -4.03 -0.24
C MET A 395 -5.69 -3.01 -0.68
N GLY A 396 -6.90 -3.46 -0.96
CA GLY A 396 -7.93 -2.50 -1.37
C GLY A 396 -9.25 -3.11 -1.74
N LYS A 397 -10.12 -2.29 -2.30
CA LYS A 397 -11.44 -2.65 -2.71
C LYS A 397 -11.84 -1.76 -3.90
N VAL A 398 -12.32 -2.40 -4.96
CA VAL A 398 -12.86 -1.65 -6.12
C VAL A 398 -14.38 -1.61 -5.96
N VAL A 399 -14.96 -0.42 -5.75
CA VAL A 399 -16.44 -0.29 -5.69
C VAL A 399 -16.91 0.46 -6.93
N ASN A 400 -16.27 1.57 -7.26
CA ASN A 400 -16.57 2.29 -8.50
C ASN A 400 -15.31 2.40 -9.36
N PRO A 401 -15.26 1.69 -10.50
CA PRO A 401 -14.05 1.72 -11.36
C PRO A 401 -13.77 3.04 -12.08
N THR A 402 -14.73 3.95 -12.09
CA THR A 402 -14.55 5.28 -12.72
C THR A 402 -14.13 6.31 -11.66
N GLN A 403 -14.33 6.01 -10.36
CA GLN A 403 -13.91 6.88 -9.28
C GLN A 403 -12.38 6.87 -9.18
C1 GOL B . -0.29 -12.82 3.57
O1 GOL B . 1.02 -13.32 3.33
C2 GOL B . -0.22 -11.40 4.08
O2 GOL B . 0.53 -10.61 3.17
C3 GOL B . -1.61 -10.83 4.22
O3 GOL B . -2.40 -11.66 5.06
C1 GOL C . -10.02 7.80 -1.71
O1 GOL C . -9.60 8.27 -0.43
C2 GOL C . -9.00 6.87 -2.32
O2 GOL C . -7.79 7.59 -2.58
C3 GOL C . -9.49 6.20 -3.58
O3 GOL C . -8.65 5.11 -3.94
C15 UL2 D . -6.39 -7.88 -14.41
C17 UL2 D . -6.61 -8.02 -15.89
C20 UL2 D . -8.05 -8.10 -17.83
C22 UL2 D . -6.90 -8.21 -18.61
C24 UL2 D . -5.49 -8.41 -20.29
C28 UL2 D . -5.67 -8.22 -18.09
C01 UL2 D . -10.58 -8.79 -10.98
C05 UL2 D . -9.26 -8.64 -11.71
C08 UL2 D . -8.72 -7.19 -11.65
C11 UL2 D . -7.36 -7.01 -12.30
N13 UL2 D . -7.40 -7.34 -13.68
O16 UL2 D . -5.32 -8.21 -13.92
C18 UL2 D . -7.88 -8.02 -16.46
O23 UL2 D . -6.84 -8.31 -19.98
O25 UL2 D . -5.09 -8.50 -21.45
N26 UL2 D . -4.78 -8.34 -19.14
C29 UL2 D . -5.48 -8.11 -16.71
C31 UL2 D . -6.60 -5.73 -12.05
O33 UL2 D . -7.35 -4.70 -12.70
C35 UL2 D . -6.39 -5.40 -10.58
C36 UL2 D . -7.41 -4.79 -9.83
C38 UL2 D . -7.21 -4.50 -8.49
C40 UL2 D . -6.04 -4.83 -7.87
C42 UL2 D . -5.02 -5.43 -8.59
C44 UL2 D . -5.19 -5.75 -9.95
C45 UL2 D . -4.07 -6.43 -10.68
#